data_7EJM
#
_entry.id   7EJM
#
_cell.length_a   67.946
_cell.length_b   85.586
_cell.length_c   91.091
_cell.angle_alpha   90.000
_cell.angle_beta   90.000
_cell.angle_gamma   90.000
#
_symmetry.space_group_name_H-M   'P 21 21 21'
#
loop_
_entity.id
_entity.type
_entity.pdbx_description
1 polymer 'MHC class I antigen'
2 polymer Beta-2-microglobulin
3 polymer '9-mer peptide from the HCoV spike protein'
4 water water
#
loop_
_entity_poly.entity_id
_entity_poly.type
_entity_poly.pdbx_seq_one_letter_code
_entity_poly.pdbx_strand_id
1 'polypeptide(L)'
;GSSGSSGGSHSMRYFSTSVSRPGRGEPRFIAVGYVDDTQFVRFDSDAASQRMEPRAPWIEQEGPEYWDEETGKVKAHSQT
DRENLRIALRYYNQSEAGSHTLQMMFGCDVGSDGRFLRGYHQYAYDGKDYIALKEDLRSWTAADMAAQITKRKWEAAHVA
EQQRAYLEGTCVDGLRRYLENGKETLQRTDPPKTHMTHHPISDHEATLRCWALGFYPAEITLTWQRDGEDQTQDTELVET
RPAGDGTFQKWAAVVVPSGEEQRYTCHVQHEGLPKPLTLRW
;
A
2 'polypeptide(L)'
;GSSGSSGIQRTPKIQVYSRHPAENGKSNFLNCYVSGFHPSDIEVDLLKNGERIEKVEHSDLSFSKDWSFYLLYYTEFTPT
EKDEYACRVNHVTLSQPKIVKWDRDM
;
B
3 'polypeptide(L)' TYIKWPWWV C
#
# COMPACT_ATOMS: atom_id res chain seq x y z
N GLY A 8 -11.80 -12.63 13.50
CA GLY A 8 -11.98 -12.70 12.06
C GLY A 8 -10.83 -13.39 11.34
N SER A 9 -10.80 -13.24 10.03
CA SER A 9 -9.83 -13.88 9.17
C SER A 9 -8.54 -13.06 9.08
N HIS A 10 -7.51 -13.65 8.46
CA HIS A 10 -6.23 -12.99 8.36
C HIS A 10 -5.64 -13.32 6.99
N SER A 11 -4.67 -12.51 6.58
CA SER A 11 -4.06 -12.69 5.27
C SER A 11 -2.55 -12.50 5.38
N MET A 12 -1.83 -13.22 4.52
CA MET A 12 -0.43 -12.93 4.25
C MET A 12 -0.29 -12.59 2.78
N ARG A 13 0.48 -11.55 2.48
CA ARG A 13 0.71 -11.15 1.11
C ARG A 13 2.17 -10.76 0.94
N TYR A 14 2.75 -11.17 -0.19
CA TYR A 14 4.02 -10.62 -0.65
C TYR A 14 3.78 -9.86 -1.93
N PHE A 15 4.38 -8.67 -2.04
CA PHE A 15 4.25 -7.83 -3.21
C PHE A 15 5.65 -7.57 -3.74
N SER A 16 5.87 -7.84 -5.03
CA SER A 16 7.18 -7.55 -5.61
C SER A 16 7.03 -6.65 -6.82
N THR A 17 7.97 -5.73 -6.97
CA THR A 17 7.97 -4.82 -8.11
C THR A 17 9.34 -4.87 -8.76
N SER A 18 9.38 -5.18 -10.05
CA SER A 18 10.59 -5.10 -10.86
C SER A 18 10.43 -3.96 -11.86
N VAL A 19 11.40 -3.04 -11.91
CA VAL A 19 11.31 -1.86 -12.79
C VAL A 19 12.61 -1.75 -13.58
N SER A 20 12.51 -1.73 -14.91
CA SER A 20 13.70 -1.42 -15.70
C SER A 20 13.93 0.10 -15.73
N ARG A 21 15.19 0.49 -15.93
CA ARG A 21 15.56 1.90 -15.98
C ARG A 21 16.64 2.05 -17.05
N PRO A 22 16.24 1.97 -18.32
CA PRO A 22 17.22 1.92 -19.41
C PRO A 22 18.15 3.12 -19.36
N GLY A 23 19.45 2.84 -19.44
CA GLY A 23 20.46 3.88 -19.43
C GLY A 23 20.83 4.37 -18.05
N ARG A 24 20.16 3.88 -17.00
CA ARG A 24 20.43 4.36 -15.65
C ARG A 24 20.75 3.21 -14.70
N GLY A 25 21.10 2.04 -15.23
CA GLY A 25 21.43 0.89 -14.42
C GLY A 25 20.62 -0.31 -14.82
N GLU A 26 20.83 -1.40 -14.08
CA GLU A 26 20.07 -2.64 -14.26
C GLU A 26 18.75 -2.52 -13.51
N PRO A 27 17.79 -3.40 -13.80
CA PRO A 27 16.47 -3.27 -13.17
C PRO A 27 16.53 -3.41 -11.66
N ARG A 28 15.63 -2.71 -10.99
CA ARG A 28 15.52 -2.79 -9.54
C ARG A 28 14.35 -3.69 -9.16
N PHE A 29 14.59 -4.52 -8.15
CA PHE A 29 13.59 -5.44 -7.60
C PHE A 29 13.39 -5.07 -6.13
N ILE A 30 12.14 -4.90 -5.74
CA ILE A 30 11.76 -4.63 -4.35
C ILE A 30 10.63 -5.60 -4.00
N ALA A 31 10.77 -6.30 -2.88
CA ALA A 31 9.71 -7.17 -2.37
C ALA A 31 9.41 -6.83 -0.92
N VAL A 32 8.12 -6.84 -0.58
CA VAL A 32 7.68 -6.64 0.80
C VAL A 32 6.69 -7.73 1.17
N GLY A 33 6.71 -8.14 2.43
CA GLY A 33 5.75 -9.07 2.97
C GLY A 33 4.90 -8.42 4.07
N TYR A 34 3.60 -8.76 4.06
CA TYR A 34 2.60 -8.24 4.98
C TYR A 34 1.82 -9.37 5.62
N VAL A 35 1.50 -9.22 6.90
CA VAL A 35 0.39 -9.94 7.51
C VAL A 35 -0.68 -8.90 7.81
N ASP A 36 -1.88 -9.10 7.26
CA ASP A 36 -2.95 -8.09 7.29
C ASP A 36 -2.34 -6.76 6.84
N ASP A 37 -2.48 -5.69 7.62
CA ASP A 37 -1.97 -4.38 7.25
C ASP A 37 -0.62 -4.07 7.90
N THR A 38 0.11 -5.09 8.34
CA THR A 38 1.39 -4.93 9.03
C THR A 38 2.51 -5.52 8.18
N GLN A 39 3.41 -4.65 7.71
CA GLN A 39 4.57 -5.16 6.99
C GLN A 39 5.51 -5.87 7.97
N PHE A 40 6.16 -6.93 7.48
CA PHE A 40 7.11 -7.65 8.34
C PHE A 40 8.44 -8.03 7.69
N VAL A 41 8.60 -8.02 6.36
CA VAL A 41 9.90 -8.21 5.73
C VAL A 41 10.01 -7.31 4.51
N ARG A 42 11.23 -7.18 4.02
CA ARG A 42 11.54 -6.47 2.78
C ARG A 42 12.83 -7.01 2.18
N PHE A 43 12.95 -6.85 0.87
CA PHE A 43 14.19 -7.08 0.13
C PHE A 43 14.29 -6.01 -0.93
N ASP A 44 15.47 -5.41 -1.08
CA ASP A 44 15.70 -4.35 -2.05
C ASP A 44 17.00 -4.68 -2.79
N SER A 45 16.91 -4.96 -4.09
CA SER A 45 18.07 -5.37 -4.85
C SER A 45 19.14 -4.27 -4.94
N ASP A 46 18.75 -3.00 -4.74
CA ASP A 46 19.72 -1.91 -4.75
C ASP A 46 20.44 -1.77 -3.41
N ALA A 47 19.86 -2.27 -2.33
CA ALA A 47 20.38 -2.02 -0.98
C ALA A 47 21.66 -2.83 -0.75
N ALA A 48 22.37 -2.48 0.32
CA ALA A 48 23.70 -3.05 0.53
C ALA A 48 23.65 -4.45 1.11
N SER A 49 22.69 -4.72 2.01
CA SER A 49 22.69 -6.00 2.73
C SER A 49 22.56 -7.20 1.81
N GLN A 50 21.76 -7.09 0.74
CA GLN A 50 21.42 -8.23 -0.11
C GLN A 50 20.79 -9.37 0.69
N ARG A 51 20.03 -9.03 1.74
CA ARG A 51 19.34 -10.01 2.55
C ARG A 51 17.87 -9.64 2.67
N MET A 52 17.04 -10.66 2.87
CA MET A 52 15.71 -10.41 3.43
C MET A 52 15.86 -9.81 4.82
N GLU A 53 15.19 -8.69 5.06
CA GLU A 53 15.38 -7.96 6.29
C GLU A 53 14.09 -7.87 7.09
N PRO A 54 14.17 -7.92 8.42
CA PRO A 54 12.99 -7.78 9.25
C PRO A 54 12.45 -6.35 9.25
N ARG A 55 11.11 -6.25 9.35
CA ARG A 55 10.47 -4.94 9.44
C ARG A 55 9.35 -4.91 10.48
N ALA A 56 9.19 -5.94 11.29
CA ALA A 56 8.24 -5.99 12.39
C ALA A 56 8.95 -6.66 13.56
N PRO A 57 8.69 -6.23 14.79
CA PRO A 57 9.43 -6.82 15.93
C PRO A 57 9.27 -8.32 16.04
N TRP A 58 8.07 -8.85 15.78
CA TRP A 58 7.80 -10.26 16.05
C TRP A 58 8.42 -11.21 15.03
N ILE A 59 9.03 -10.70 13.96
CA ILE A 59 9.73 -11.59 13.03
C ILE A 59 11.22 -11.71 13.38
N GLU A 60 11.75 -10.81 14.21
CA GLU A 60 13.17 -10.83 14.52
C GLU A 60 13.59 -12.06 15.31
N GLN A 61 12.66 -12.71 16.01
CA GLN A 61 12.97 -13.93 16.74
C GLN A 61 13.23 -15.12 15.82
N GLU A 62 12.95 -14.99 14.53
CA GLU A 62 13.30 -16.06 13.60
C GLU A 62 14.82 -16.24 13.57
N GLY A 63 15.25 -17.50 13.49
CA GLY A 63 16.64 -17.83 13.57
C GLY A 63 17.39 -17.54 12.28
N PRO A 64 18.70 -17.78 12.32
CA PRO A 64 19.53 -17.46 11.15
C PRO A 64 19.18 -18.25 9.90
N GLU A 65 18.64 -19.46 10.04
CA GLU A 65 18.33 -20.25 8.86
C GLU A 65 17.00 -19.85 8.22
N TYR A 66 16.09 -19.22 8.97
CA TYR A 66 14.99 -18.51 8.35
C TYR A 66 15.51 -17.44 7.39
N TRP A 67 16.38 -16.57 7.89
CA TRP A 67 16.87 -15.47 7.08
C TRP A 67 17.68 -15.97 5.89
N ASP A 68 18.46 -17.03 6.07
CA ASP A 68 19.18 -17.62 4.95
C ASP A 68 18.19 -18.16 3.91
N GLU A 69 17.18 -18.91 4.35
CA GLU A 69 16.26 -19.53 3.42
C GLU A 69 15.42 -18.47 2.70
N GLU A 70 14.88 -17.51 3.47
CA GLU A 70 14.08 -16.44 2.86
C GLU A 70 14.91 -15.60 1.91
N THR A 71 16.16 -15.31 2.28
CA THR A 71 17.04 -14.57 1.38
C THR A 71 17.27 -15.31 0.08
N GLY A 72 17.48 -16.63 0.14
CA GLY A 72 17.71 -17.38 -1.08
C GLY A 72 16.50 -17.39 -1.98
N LYS A 73 15.31 -17.57 -1.40
CA LYS A 73 14.09 -17.60 -2.18
C LYS A 73 13.81 -16.26 -2.83
N VAL A 74 13.98 -15.16 -2.09
CA VAL A 74 13.64 -13.88 -2.68
C VAL A 74 14.69 -13.44 -3.69
N LYS A 75 15.97 -13.77 -3.47
CA LYS A 75 16.98 -13.42 -4.46
C LYS A 75 16.78 -14.20 -5.75
N ALA A 76 16.32 -15.44 -5.65
CA ALA A 76 16.01 -16.21 -6.84
C ALA A 76 14.82 -15.61 -7.58
N HIS A 77 13.79 -15.18 -6.85
CA HIS A 77 12.68 -14.48 -7.50
C HIS A 77 13.17 -13.21 -8.20
N SER A 78 14.04 -12.46 -7.53
CA SER A 78 14.59 -11.24 -8.11
C SER A 78 15.21 -11.52 -9.48
N GLN A 79 16.00 -12.59 -9.57
CA GLN A 79 16.68 -12.92 -10.83
C GLN A 79 15.68 -13.39 -11.87
N THR A 80 14.70 -14.19 -11.46
CA THR A 80 13.69 -14.68 -12.38
C THR A 80 12.87 -13.54 -12.98
N ASP A 81 12.42 -12.60 -12.13
CA ASP A 81 11.58 -11.53 -12.68
C ASP A 81 12.40 -10.55 -13.51
N ARG A 82 13.71 -10.43 -13.26
CA ARG A 82 14.53 -9.63 -14.15
C ARG A 82 14.59 -10.25 -15.55
N GLU A 83 14.76 -11.58 -15.63
CA GLU A 83 14.68 -12.23 -16.93
C GLU A 83 13.28 -12.13 -17.53
N ASN A 84 12.24 -12.15 -16.68
CA ASN A 84 10.89 -12.03 -17.20
C ASN A 84 10.64 -10.67 -17.85
N LEU A 85 11.27 -9.60 -17.35
CA LEU A 85 11.16 -8.33 -18.05
C LEU A 85 11.71 -8.44 -19.48
N ARG A 86 12.84 -9.13 -19.65
CA ARG A 86 13.39 -9.36 -20.98
C ARG A 86 12.43 -10.14 -21.86
N ILE A 87 11.86 -11.22 -21.31
CA ILE A 87 10.97 -12.07 -22.12
C ILE A 87 9.76 -11.28 -22.56
N ALA A 88 9.16 -10.53 -21.63
CA ALA A 88 8.00 -9.73 -21.97
C ALA A 88 8.31 -8.70 -23.03
N LEU A 89 9.48 -8.04 -22.94
CA LEU A 89 9.89 -7.12 -24.01
C LEU A 89 9.82 -7.80 -25.38
N ARG A 90 10.32 -9.03 -25.45
CA ARG A 90 10.35 -9.81 -26.69
C ARG A 90 8.94 -10.19 -27.14
N TYR A 91 8.12 -10.69 -26.20
CA TYR A 91 6.75 -11.08 -26.54
C TYR A 91 6.00 -9.93 -27.20
N TYR A 92 6.18 -8.71 -26.70
CA TYR A 92 5.43 -7.56 -27.19
C TYR A 92 6.17 -6.80 -28.28
N ASN A 93 7.40 -7.18 -28.59
CA ASN A 93 8.30 -6.44 -29.50
C ASN A 93 8.37 -4.96 -29.12
N GLN A 94 8.58 -4.71 -27.84
CA GLN A 94 8.77 -3.37 -27.33
C GLN A 94 10.23 -2.97 -27.37
N SER A 95 10.47 -1.66 -27.49
CA SER A 95 11.83 -1.15 -27.57
C SER A 95 12.53 -1.22 -26.21
N GLU A 96 13.86 -1.43 -26.26
CA GLU A 96 14.67 -1.31 -25.06
C GLU A 96 14.68 0.10 -24.47
N ALA A 97 14.19 1.10 -25.20
CA ALA A 97 14.22 2.46 -24.67
C ALA A 97 13.20 2.68 -23.57
N GLY A 98 12.14 1.87 -23.51
CA GLY A 98 11.09 2.11 -22.55
C GLY A 98 11.38 1.48 -21.22
N SER A 99 10.89 2.12 -20.17
CA SER A 99 10.96 1.58 -18.82
C SER A 99 9.68 0.78 -18.57
N HIS A 100 9.83 -0.45 -18.10
CA HIS A 100 8.67 -1.33 -17.92
C HIS A 100 8.67 -1.91 -16.52
N THR A 101 7.51 -2.39 -16.10
CA THR A 101 7.27 -2.81 -14.73
C THR A 101 6.66 -4.20 -14.73
N LEU A 102 7.16 -5.06 -13.85
CA LEU A 102 6.54 -6.35 -13.62
C LEU A 102 6.24 -6.47 -12.13
N GLN A 103 4.97 -6.61 -11.79
CA GLN A 103 4.55 -6.74 -10.41
C GLN A 103 4.02 -8.15 -10.19
N MET A 104 4.36 -8.72 -9.02
CA MET A 104 3.80 -9.99 -8.61
C MET A 104 3.21 -9.87 -7.22
N MET A 105 2.08 -10.54 -7.00
CA MET A 105 1.46 -10.66 -5.69
C MET A 105 1.16 -12.13 -5.42
N PHE A 106 1.48 -12.60 -4.21
CA PHE A 106 1.05 -13.95 -3.85
C PHE A 106 0.78 -13.98 -2.35
N GLY A 107 0.03 -14.98 -1.93
CA GLY A 107 -0.27 -15.10 -0.51
C GLY A 107 -1.57 -15.87 -0.30
N CYS A 108 -1.99 -15.89 0.96
CA CYS A 108 -3.13 -16.72 1.32
C CYS A 108 -3.92 -16.03 2.40
N ASP A 109 -5.20 -16.42 2.52
CA ASP A 109 -6.10 -16.03 3.59
C ASP A 109 -6.38 -17.24 4.47
N VAL A 110 -6.50 -17.03 5.79
CA VAL A 110 -6.96 -18.08 6.69
C VAL A 110 -8.08 -17.54 7.57
N GLY A 111 -8.95 -18.44 8.03
CA GLY A 111 -10.02 -18.05 8.92
C GLY A 111 -9.54 -17.90 10.35
N SER A 112 -10.48 -17.55 11.23
CA SER A 112 -10.15 -17.42 12.66
C SER A 112 -9.61 -18.72 13.23
N ASP A 113 -10.01 -19.85 12.65
CA ASP A 113 -9.58 -21.17 13.10
C ASP A 113 -8.36 -21.67 12.35
N GLY A 114 -7.75 -20.83 11.52
CA GLY A 114 -6.54 -21.18 10.82
C GLY A 114 -6.72 -21.93 9.52
N ARG A 115 -7.96 -22.21 9.10
CA ARG A 115 -8.14 -23.00 7.88
C ARG A 115 -7.93 -22.12 6.65
N PHE A 116 -7.43 -22.75 5.60
CA PHE A 116 -7.18 -22.08 4.33
C PHE A 116 -8.48 -21.56 3.73
N LEU A 117 -8.51 -20.27 3.38
CA LEU A 117 -9.69 -19.65 2.78
C LEU A 117 -9.53 -19.26 1.32
N ARG A 118 -8.31 -18.92 0.87
CA ARG A 118 -8.09 -18.48 -0.51
C ARG A 118 -6.60 -18.36 -0.76
N GLY A 119 -6.18 -18.67 -1.99
CA GLY A 119 -4.80 -18.48 -2.41
C GLY A 119 -4.72 -17.58 -3.62
N TYR A 120 -3.59 -16.86 -3.74
CA TYR A 120 -3.35 -15.94 -4.85
C TYR A 120 -1.93 -16.09 -5.37
N HIS A 121 -1.78 -15.87 -6.68
CA HIS A 121 -0.47 -15.94 -7.33
C HIS A 121 -0.69 -15.25 -8.67
N GLN A 122 -0.33 -13.96 -8.75
CA GLN A 122 -0.72 -13.23 -9.95
C GLN A 122 0.31 -12.18 -10.33
N TYR A 123 0.32 -11.82 -11.61
CA TYR A 123 1.28 -10.88 -12.18
C TYR A 123 0.57 -9.74 -12.90
N ALA A 124 1.22 -8.58 -12.89
CA ALA A 124 0.83 -7.44 -13.72
C ALA A 124 2.04 -6.91 -14.46
N TYR A 125 1.84 -6.55 -15.71
CA TYR A 125 2.90 -5.97 -16.53
C TYR A 125 2.47 -4.55 -16.90
N ASP A 126 3.37 -3.59 -16.65
CA ASP A 126 3.06 -2.16 -16.85
C ASP A 126 1.72 -1.77 -16.22
N GLY A 127 1.47 -2.28 -15.02
CA GLY A 127 0.34 -1.83 -14.22
C GLY A 127 -1.00 -2.46 -14.53
N LYS A 128 -1.03 -3.48 -15.40
CA LYS A 128 -2.24 -4.09 -15.92
C LYS A 128 -2.13 -5.60 -15.76
N ASP A 129 -3.24 -6.29 -15.43
CA ASP A 129 -3.24 -7.75 -15.28
C ASP A 129 -2.47 -8.42 -16.41
N TYR A 130 -1.61 -9.38 -16.06
CA TYR A 130 -0.92 -10.19 -17.06
C TYR A 130 -1.37 -11.65 -16.97
N ILE A 131 -1.11 -12.33 -15.84
CA ILE A 131 -1.64 -13.68 -15.66
C ILE A 131 -1.93 -13.87 -14.18
N ALA A 132 -2.93 -14.69 -13.87
CA ALA A 132 -3.33 -14.90 -12.48
C ALA A 132 -3.79 -16.33 -12.28
N LEU A 133 -3.36 -16.94 -11.17
CA LEU A 133 -3.88 -18.24 -10.79
C LEU A 133 -5.33 -18.11 -10.37
N LYS A 134 -6.19 -18.96 -10.90
CA LYS A 134 -7.60 -18.89 -10.53
C LYS A 134 -7.84 -19.43 -9.13
N GLU A 135 -9.02 -19.13 -8.59
CA GLU A 135 -9.38 -19.54 -7.23
C GLU A 135 -9.27 -21.04 -7.04
N ASP A 136 -9.56 -21.85 -8.08
CA ASP A 136 -9.44 -23.29 -7.92
C ASP A 136 -8.00 -23.77 -7.78
N LEU A 137 -7.02 -22.90 -8.01
CA LEU A 137 -5.60 -23.21 -7.89
C LEU A 137 -5.16 -24.27 -8.87
N ARG A 138 -5.91 -24.41 -9.97
CA ARG A 138 -5.61 -25.40 -10.99
C ARG A 138 -5.44 -24.81 -12.38
N SER A 139 -5.89 -23.58 -12.61
CA SER A 139 -5.96 -22.98 -13.94
C SER A 139 -5.59 -21.51 -13.87
N TRP A 140 -5.30 -20.94 -15.03
CA TRP A 140 -4.78 -19.59 -15.15
C TRP A 140 -5.73 -18.71 -15.94
N THR A 141 -5.75 -17.42 -15.60
CA THR A 141 -6.40 -16.40 -16.40
C THR A 141 -5.32 -15.58 -17.08
N ALA A 142 -5.27 -15.62 -18.41
CA ALA A 142 -4.28 -14.88 -19.18
C ALA A 142 -4.96 -13.67 -19.81
N ALA A 143 -4.32 -12.50 -19.69
CA ALA A 143 -4.99 -11.25 -20.02
C ALA A 143 -4.86 -10.85 -21.49
N ASP A 144 -3.90 -11.40 -22.23
CA ASP A 144 -3.63 -11.00 -23.60
C ASP A 144 -2.84 -12.11 -24.28
N MET A 145 -2.46 -11.87 -25.54
CA MET A 145 -1.84 -12.95 -26.32
C MET A 145 -0.45 -13.29 -25.79
N ALA A 146 0.28 -12.30 -25.26
CA ALA A 146 1.56 -12.63 -24.64
C ALA A 146 1.36 -13.54 -23.43
N ALA A 147 0.44 -13.16 -22.53
CA ALA A 147 0.19 -13.98 -21.34
C ALA A 147 -0.32 -15.39 -21.70
N GLN A 148 -0.97 -15.54 -22.86
CA GLN A 148 -1.39 -16.88 -23.28
C GLN A 148 -0.19 -17.76 -23.66
N ILE A 149 0.88 -17.16 -24.20
CA ILE A 149 2.12 -17.91 -24.37
C ILE A 149 2.61 -18.41 -23.01
N THR A 150 2.65 -17.51 -22.03
CA THR A 150 3.07 -17.91 -20.68
C THR A 150 2.13 -18.98 -20.10
N LYS A 151 0.82 -18.79 -20.29
CA LYS A 151 -0.17 -19.75 -19.77
C LYS A 151 0.10 -21.15 -20.32
N ARG A 152 0.33 -21.24 -21.64
CA ARG A 152 0.63 -22.54 -22.25
C ARG A 152 1.91 -23.14 -21.69
N LYS A 153 2.95 -22.32 -21.50
CA LYS A 153 4.19 -22.80 -20.91
C LYS A 153 3.97 -23.31 -19.49
N TRP A 154 3.20 -22.57 -18.68
CA TRP A 154 3.03 -22.97 -17.29
C TRP A 154 2.11 -24.18 -17.17
N GLU A 155 1.15 -24.32 -18.08
CA GLU A 155 0.34 -25.54 -18.14
C GLU A 155 1.21 -26.76 -18.44
N ALA A 156 2.17 -26.62 -19.36
CA ALA A 156 3.03 -27.74 -19.73
C ALA A 156 3.97 -28.13 -18.60
N ALA A 157 4.37 -27.17 -17.76
CA ALA A 157 5.28 -27.45 -16.66
C ALA A 157 4.55 -27.69 -15.34
N HIS A 158 3.21 -27.72 -15.35
CA HIS A 158 2.41 -28.01 -14.15
C HIS A 158 2.74 -27.04 -13.02
N VAL A 159 2.96 -25.78 -13.38
CA VAL A 159 3.27 -24.75 -12.39
C VAL A 159 2.16 -24.61 -11.36
N ALA A 160 0.90 -24.69 -11.79
CA ALA A 160 -0.20 -24.50 -10.85
C ALA A 160 -0.18 -25.55 -9.75
N GLU A 161 0.25 -26.78 -10.06
CA GLU A 161 0.36 -27.79 -9.01
C GLU A 161 1.33 -27.37 -7.92
N GLN A 162 2.47 -26.79 -8.32
CA GLN A 162 3.45 -26.38 -7.32
C GLN A 162 2.94 -25.19 -6.53
N GLN A 163 2.26 -24.26 -7.20
CA GLN A 163 1.77 -23.09 -6.47
C GLN A 163 0.61 -23.46 -5.56
N ARG A 164 -0.25 -24.38 -5.99
CA ARG A 164 -1.30 -24.89 -5.11
C ARG A 164 -0.70 -25.50 -3.84
N ALA A 165 0.35 -26.30 -4.00
CA ALA A 165 0.99 -26.92 -2.84
C ALA A 165 1.53 -25.85 -1.88
N TYR A 166 2.22 -24.84 -2.43
CA TYR A 166 2.72 -23.75 -1.59
C TYR A 166 1.57 -23.06 -0.86
N LEU A 167 0.52 -22.69 -1.59
CA LEU A 167 -0.52 -21.85 -1.02
C LEU A 167 -1.28 -22.57 0.09
N GLU A 168 -1.57 -23.87 -0.10
CA GLU A 168 -2.32 -24.61 0.90
C GLU A 168 -1.44 -25.15 2.01
N GLY A 169 -0.14 -25.26 1.77
CA GLY A 169 0.82 -25.81 2.71
C GLY A 169 1.63 -24.70 3.33
N THR A 170 2.82 -24.43 2.78
CA THR A 170 3.80 -23.50 3.37
C THR A 170 3.18 -22.15 3.72
N CYS A 171 2.38 -21.59 2.82
CA CYS A 171 1.84 -20.25 3.03
C CYS A 171 1.01 -20.21 4.30
N VAL A 172 0.08 -21.16 4.44
CA VAL A 172 -0.81 -21.23 5.59
C VAL A 172 -0.02 -21.50 6.86
N ASP A 173 0.98 -22.39 6.79
CA ASP A 173 1.79 -22.70 7.95
C ASP A 173 2.55 -21.48 8.45
N GLY A 174 3.14 -20.70 7.53
CA GLY A 174 3.85 -19.51 7.94
C GLY A 174 2.92 -18.47 8.53
N LEU A 175 1.78 -18.22 7.87
CA LEU A 175 0.84 -17.23 8.36
C LEU A 175 0.35 -17.60 9.76
N ARG A 176 -0.02 -18.88 9.96
CA ARG A 176 -0.44 -19.31 11.29
C ARG A 176 0.65 -19.07 12.32
N ARG A 177 1.90 -19.36 11.97
CA ARG A 177 2.98 -19.16 12.92
C ARG A 177 3.21 -17.68 13.18
N TYR A 178 3.22 -16.85 12.14
CA TYR A 178 3.38 -15.41 12.36
C TYR A 178 2.28 -14.86 13.25
N LEU A 179 1.04 -15.33 13.06
CA LEU A 179 -0.07 -14.83 13.88
C LEU A 179 0.12 -15.19 15.35
N GLU A 180 0.72 -16.34 15.62
CA GLU A 180 0.99 -16.72 17.00
C GLU A 180 2.17 -15.94 17.57
N ASN A 181 3.26 -15.83 16.81
CA ASN A 181 4.44 -15.15 17.32
C ASN A 181 4.19 -13.66 17.52
N GLY A 182 3.34 -13.06 16.70
CA GLY A 182 3.04 -11.65 16.86
C GLY A 182 1.64 -11.38 17.36
N LYS A 183 1.10 -12.31 18.15
CA LYS A 183 -0.31 -12.27 18.50
C LYS A 183 -0.68 -11.00 19.28
N GLU A 184 0.22 -10.55 20.19
CA GLU A 184 0.00 -9.31 20.94
C GLU A 184 -0.32 -8.12 20.05
N THR A 185 0.17 -8.15 18.82
CA THR A 185 0.11 -7.06 17.87
C THR A 185 -0.79 -7.34 16.68
N LEU A 186 -0.76 -8.56 16.14
CA LEU A 186 -1.52 -8.85 14.93
C LEU A 186 -2.98 -9.17 15.21
N GLN A 187 -3.30 -9.70 16.39
CA GLN A 187 -4.68 -10.07 16.68
C GLN A 187 -5.42 -8.98 17.42
N ARG A 188 -5.05 -7.72 17.22
CA ARG A 188 -5.68 -6.59 17.87
C ARG A 188 -6.61 -5.86 16.91
N THR A 189 -7.56 -5.15 17.50
CA THR A 189 -8.31 -4.15 16.77
C THR A 189 -8.26 -2.88 17.59
N ASP A 190 -7.81 -1.81 16.97
CA ASP A 190 -7.88 -0.50 17.61
C ASP A 190 -9.06 0.23 17.00
N PRO A 191 -10.08 0.61 17.78
CA PRO A 191 -11.24 1.28 17.18
C PRO A 191 -10.89 2.71 16.81
N PRO A 192 -11.59 3.28 15.84
CA PRO A 192 -11.26 4.67 15.45
C PRO A 192 -11.69 5.65 16.53
N LYS A 193 -10.80 6.60 16.84
CA LYS A 193 -11.17 7.79 17.59
C LYS A 193 -11.76 8.78 16.59
N THR A 194 -12.93 9.31 16.90
CA THR A 194 -13.67 10.11 15.94
C THR A 194 -13.95 11.50 16.49
N HIS A 195 -14.02 12.46 15.59
CA HIS A 195 -14.42 13.83 15.92
C HIS A 195 -14.76 14.53 14.61
N MET A 196 -15.26 15.75 14.74
CA MET A 196 -15.71 16.53 13.59
C MET A 196 -15.09 17.91 13.68
N THR A 197 -14.65 18.44 12.54
CA THR A 197 -14.18 19.82 12.48
C THR A 197 -14.99 20.61 11.47
N HIS A 198 -14.90 21.92 11.60
CA HIS A 198 -15.79 22.86 10.91
C HIS A 198 -14.94 24.02 10.41
N HIS A 199 -14.96 24.25 9.11
CA HIS A 199 -14.02 25.18 8.46
C HIS A 199 -14.79 26.11 7.52
N PRO A 200 -15.00 27.37 7.91
CA PRO A 200 -15.74 28.30 7.04
C PRO A 200 -14.98 28.58 5.75
N ILE A 201 -15.72 28.53 4.63
CA ILE A 201 -15.21 28.90 3.32
C ILE A 201 -15.53 30.37 3.08
N SER A 202 -16.73 30.64 2.56
CA SER A 202 -17.22 32.00 2.40
C SER A 202 -18.07 32.36 3.62
N ASP A 203 -19.00 33.29 3.47
CA ASP A 203 -20.01 33.56 4.48
C ASP A 203 -21.31 32.82 4.21
N HIS A 204 -21.36 32.02 3.15
CA HIS A 204 -22.53 31.23 2.79
C HIS A 204 -22.29 29.73 2.88
N GLU A 205 -21.04 29.30 3.08
CA GLU A 205 -20.69 27.88 3.02
C GLU A 205 -19.56 27.58 4.01
N ALA A 206 -19.58 26.36 4.54
CA ALA A 206 -18.51 25.88 5.41
C ALA A 206 -18.33 24.39 5.18
N THR A 207 -17.13 23.90 5.47
CA THR A 207 -16.82 22.48 5.33
C THR A 207 -16.98 21.81 6.69
N LEU A 208 -17.74 20.72 6.73
CA LEU A 208 -17.79 19.82 7.87
C LEU A 208 -16.93 18.60 7.54
N ARG A 209 -15.93 18.34 8.37
CA ARG A 209 -14.99 17.24 8.16
C ARG A 209 -15.17 16.24 9.30
N CYS A 210 -15.42 14.98 8.95
CA CYS A 210 -15.58 13.90 9.90
C CYS A 210 -14.32 13.04 9.90
N TRP A 211 -13.74 12.84 11.08
CA TRP A 211 -12.41 12.26 11.22
C TRP A 211 -12.45 10.89 11.89
N ALA A 212 -11.60 9.97 11.41
CA ALA A 212 -11.34 8.70 12.08
C ALA A 212 -9.83 8.56 12.24
N LEU A 213 -9.37 8.36 13.49
CA LEU A 213 -7.94 8.32 13.77
C LEU A 213 -7.58 7.11 14.61
N GLY A 214 -6.35 6.65 14.43
CA GLY A 214 -5.75 5.65 15.28
C GLY A 214 -6.37 4.27 15.20
N PHE A 215 -6.92 3.91 14.04
CA PHE A 215 -7.62 2.62 13.98
C PHE A 215 -6.78 1.55 13.30
N TYR A 216 -7.11 0.29 13.62
CA TYR A 216 -6.45 -0.84 13.01
C TYR A 216 -7.46 -1.99 13.08
N PRO A 217 -7.63 -2.78 12.01
CA PRO A 217 -6.95 -2.68 10.71
C PRO A 217 -7.44 -1.51 9.84
N ALA A 218 -6.91 -1.37 8.62
CA ALA A 218 -7.16 -0.16 7.85
C ALA A 218 -8.56 -0.11 7.26
N GLU A 219 -9.22 -1.25 7.05
CA GLU A 219 -10.56 -1.24 6.47
C GLU A 219 -11.51 -0.42 7.33
N ILE A 220 -12.21 0.52 6.70
CA ILE A 220 -13.13 1.40 7.40
C ILE A 220 -14.09 1.98 6.38
N THR A 221 -15.28 2.39 6.85
CA THR A 221 -16.25 3.08 6.01
C THR A 221 -16.70 4.36 6.70
N LEU A 222 -16.55 5.48 6.00
CA LEU A 222 -17.05 6.79 6.44
C LEU A 222 -18.04 7.30 5.41
N THR A 223 -19.23 7.69 5.85
CA THR A 223 -20.23 8.24 4.95
C THR A 223 -20.93 9.41 5.62
N TRP A 224 -21.38 10.35 4.79
CA TRP A 224 -22.18 11.48 5.25
C TRP A 224 -23.63 11.28 4.79
N GLN A 225 -24.57 11.68 5.64
CA GLN A 225 -25.99 11.71 5.31
C GLN A 225 -26.54 13.10 5.56
N ARG A 226 -27.56 13.47 4.79
CA ARG A 226 -28.33 14.68 5.03
C ARG A 226 -29.78 14.28 5.22
N ASP A 227 -30.30 14.53 6.43
CA ASP A 227 -31.67 14.15 6.78
C ASP A 227 -31.93 12.67 6.54
N GLY A 228 -30.92 11.83 6.75
CA GLY A 228 -31.08 10.40 6.55
C GLY A 228 -30.88 9.92 5.14
N GLU A 229 -30.60 10.82 4.19
CA GLU A 229 -30.36 10.47 2.81
C GLU A 229 -28.87 10.60 2.51
N ASP A 230 -28.32 9.59 1.84
CA ASP A 230 -26.88 9.55 1.62
C ASP A 230 -26.42 10.69 0.71
N GLN A 231 -25.18 11.11 0.92
CA GLN A 231 -24.57 12.21 0.17
C GLN A 231 -23.51 11.70 -0.79
N THR A 232 -23.77 10.51 -1.34
CA THR A 232 -22.85 9.75 -2.20
C THR A 232 -21.96 10.60 -3.10
N GLN A 233 -22.51 11.68 -3.69
CA GLN A 233 -21.82 12.39 -4.75
C GLN A 233 -21.24 13.75 -4.35
N ASP A 234 -21.62 14.29 -3.19
CA ASP A 234 -21.12 15.59 -2.74
C ASP A 234 -20.13 15.47 -1.59
N THR A 235 -19.64 14.27 -1.31
CA THR A 235 -18.68 14.03 -0.25
C THR A 235 -17.27 14.00 -0.83
N GLU A 236 -16.31 14.53 -0.09
CA GLU A 236 -14.90 14.33 -0.41
C GLU A 236 -14.32 13.30 0.56
N LEU A 237 -13.77 12.23 0.02
CA LEU A 237 -13.24 11.13 0.81
C LEU A 237 -11.78 10.93 0.44
N VAL A 238 -10.87 11.14 1.41
CA VAL A 238 -9.45 10.92 1.14
C VAL A 238 -9.12 9.44 1.31
N GLU A 239 -8.03 9.03 0.67
CA GLU A 239 -7.55 7.66 0.81
C GLU A 239 -7.12 7.41 2.25
N THR A 240 -7.43 6.22 2.75
CA THR A 240 -6.97 5.81 4.08
C THR A 240 -5.45 5.86 4.12
N ARG A 241 -4.90 6.46 5.18
CA ARG A 241 -3.47 6.74 5.19
C ARG A 241 -2.82 6.24 6.47
N PRO A 242 -1.55 5.85 6.42
CA PRO A 242 -0.86 5.39 7.62
C PRO A 242 -0.50 6.56 8.51
N ALA A 243 -0.64 6.36 9.82
CA ALA A 243 -0.11 7.34 10.78
C ALA A 243 1.39 7.19 10.97
N GLY A 244 1.93 6.00 10.72
CA GLY A 244 3.33 5.71 10.93
C GLY A 244 3.61 4.89 12.17
N ASP A 245 2.61 4.69 13.02
CA ASP A 245 2.77 3.96 14.27
C ASP A 245 2.01 2.64 14.26
N GLY A 246 1.60 2.18 13.08
CA GLY A 246 0.81 0.97 12.97
C GLY A 246 -0.68 1.19 12.94
N THR A 247 -1.15 2.43 13.06
CA THR A 247 -2.57 2.74 12.92
C THR A 247 -2.81 3.56 11.67
N PHE A 248 -4.08 3.77 11.37
CA PHE A 248 -4.50 4.42 10.14
C PHE A 248 -5.42 5.60 10.43
N GLN A 249 -5.58 6.46 9.42
CA GLN A 249 -6.39 7.66 9.52
C GLN A 249 -7.21 7.83 8.24
N LYS A 250 -8.34 8.52 8.37
CA LYS A 250 -9.17 8.84 7.22
C LYS A 250 -10.13 9.96 7.60
N TRP A 251 -10.50 10.79 6.63
CA TRP A 251 -11.58 11.74 6.88
C TRP A 251 -12.49 11.83 5.67
N ALA A 252 -13.69 12.36 5.92
CA ALA A 252 -14.69 12.62 4.89
C ALA A 252 -15.27 14.00 5.15
N ALA A 253 -15.55 14.75 4.08
CA ALA A 253 -15.99 16.13 4.25
C ALA A 253 -17.15 16.42 3.31
N VAL A 254 -18.08 17.27 3.79
CA VAL A 254 -19.18 17.77 2.98
C VAL A 254 -19.18 19.29 3.08
N VAL A 255 -19.62 19.93 2.01
CA VAL A 255 -19.79 21.38 2.01
C VAL A 255 -21.24 21.67 2.34
N VAL A 256 -21.47 22.45 3.39
CA VAL A 256 -22.83 22.66 3.91
C VAL A 256 -23.18 24.13 3.80
N PRO A 257 -24.40 24.46 3.34
CA PRO A 257 -24.83 25.85 3.36
C PRO A 257 -24.84 26.38 4.78
N SER A 258 -24.35 27.60 4.97
CA SER A 258 -24.25 28.19 6.28
C SER A 258 -25.59 28.15 7.00
N GLY A 259 -25.61 27.55 8.18
CA GLY A 259 -26.82 27.41 8.96
C GLY A 259 -27.47 26.04 8.90
N GLU A 260 -27.01 25.15 8.02
CA GLU A 260 -27.60 23.84 7.84
C GLU A 260 -26.77 22.71 8.45
N GLU A 261 -25.76 23.05 9.26
CA GLU A 261 -24.85 22.04 9.81
C GLU A 261 -25.60 20.89 10.46
N GLN A 262 -26.66 21.19 11.21
CA GLN A 262 -27.31 20.15 11.99
C GLN A 262 -28.15 19.20 11.15
N ARG A 263 -28.24 19.42 9.85
CA ARG A 263 -28.94 18.49 8.96
C ARG A 263 -28.09 17.25 8.63
N TYR A 264 -26.78 17.29 8.88
CA TYR A 264 -25.87 16.26 8.42
C TYR A 264 -25.43 15.35 9.57
N THR A 265 -25.23 14.07 9.25
CA THR A 265 -24.68 13.11 10.19
C THR A 265 -23.56 12.34 9.50
N CYS A 266 -22.50 12.03 10.25
CA CYS A 266 -21.42 11.19 9.76
C CYS A 266 -21.54 9.81 10.38
N HIS A 267 -21.29 8.78 9.58
CA HIS A 267 -21.48 7.40 10.01
C HIS A 267 -20.19 6.62 9.84
N VAL A 268 -19.80 5.88 10.86
CA VAL A 268 -18.50 5.24 10.90
C VAL A 268 -18.69 3.76 11.16
N GLN A 269 -18.15 2.92 10.27
CA GLN A 269 -18.14 1.48 10.45
C GLN A 269 -16.70 1.00 10.52
N HIS A 270 -16.40 0.18 11.53
CA HIS A 270 -15.08 -0.41 11.69
C HIS A 270 -15.21 -1.68 12.51
N GLU A 271 -14.35 -2.67 12.22
CA GLU A 271 -14.52 -3.94 12.91
C GLU A 271 -14.19 -3.83 14.40
N GLY A 272 -13.51 -2.76 14.82
CA GLY A 272 -13.28 -2.58 16.25
C GLY A 272 -14.42 -1.92 17.00
N LEU A 273 -15.46 -1.46 16.29
CA LEU A 273 -16.63 -0.85 16.90
C LEU A 273 -17.70 -1.92 17.07
N PRO A 274 -18.17 -2.17 18.28
CA PRO A 274 -19.28 -3.13 18.44
C PRO A 274 -20.53 -2.70 17.70
N LYS A 275 -20.71 -1.41 17.45
CA LYS A 275 -21.83 -0.93 16.66
C LYS A 275 -21.39 0.33 15.92
N PRO A 276 -21.91 0.57 14.72
CA PRO A 276 -21.47 1.73 13.95
C PRO A 276 -21.84 3.02 14.68
N LEU A 277 -21.05 4.07 14.42
CA LEU A 277 -21.23 5.35 15.08
C LEU A 277 -22.01 6.30 14.19
N THR A 278 -22.70 7.25 14.84
CA THR A 278 -23.31 8.40 14.18
C THR A 278 -22.82 9.66 14.89
N LEU A 279 -22.18 10.55 14.15
CA LEU A 279 -21.69 11.80 14.68
C LEU A 279 -22.53 12.95 14.13
N ARG A 280 -22.76 13.96 14.96
CA ARG A 280 -23.48 15.16 14.56
C ARG A 280 -22.73 16.37 15.08
N TRP A 281 -22.70 17.42 14.29
CA TRP A 281 -22.04 18.66 14.71
C TRP A 281 -22.81 19.30 15.88
N GLY B 4 10.40 7.55 -20.54
CA GLY B 4 10.09 6.25 -21.11
C GLY B 4 8.98 5.54 -20.35
N SER B 5 8.02 6.32 -19.87
CA SER B 5 6.88 5.78 -19.13
C SER B 5 6.11 4.77 -19.99
N SER B 6 5.58 3.72 -19.35
CA SER B 6 4.83 2.65 -20.04
C SER B 6 3.59 2.29 -19.23
N GLY B 7 2.49 1.98 -19.93
CA GLY B 7 1.24 1.67 -19.28
C GLY B 7 0.42 2.90 -18.92
N ILE B 8 -0.83 2.66 -18.52
CA ILE B 8 -1.72 3.78 -18.24
C ILE B 8 -1.18 4.59 -17.07
N GLN B 9 -0.96 5.88 -17.29
CA GLN B 9 -0.41 6.75 -16.25
C GLN B 9 -1.49 7.10 -15.25
N ARG B 10 -1.12 7.14 -13.96
CA ARG B 10 -2.03 7.54 -12.90
C ARG B 10 -1.30 8.55 -12.02
N THR B 11 -1.88 9.73 -11.86
CA THR B 11 -1.28 10.81 -11.07
C THR B 11 -1.32 10.47 -9.58
N PRO B 12 -0.25 10.75 -8.83
CA PRO B 12 -0.28 10.47 -7.39
C PRO B 12 -1.30 11.33 -6.65
N LYS B 13 -1.98 10.70 -5.69
CA LYS B 13 -2.78 11.43 -4.70
C LYS B 13 -1.88 11.73 -3.50
N ILE B 14 -1.82 13.00 -3.09
CA ILE B 14 -0.83 13.48 -2.12
C ILE B 14 -1.54 13.96 -0.86
N GLN B 15 -1.11 13.47 0.30
CA GLN B 15 -1.58 13.97 1.58
C GLN B 15 -0.40 14.28 2.49
N VAL B 16 -0.38 15.49 3.06
CA VAL B 16 0.64 15.92 4.02
C VAL B 16 -0.05 16.11 5.35
N TYR B 17 0.47 15.49 6.41
CA TYR B 17 -0.28 15.47 7.67
C TYR B 17 0.66 15.02 8.78
N SER B 18 0.26 15.29 10.03
CA SER B 18 1.04 14.81 11.16
C SER B 18 0.48 13.50 11.69
N ARG B 19 1.35 12.74 12.34
CA ARG B 19 0.92 11.46 12.92
C ARG B 19 -0.10 11.68 14.02
N HIS B 20 0.13 12.69 14.85
CA HIS B 20 -0.72 13.09 15.96
C HIS B 20 -1.20 14.51 15.76
N PRO B 21 -2.35 14.88 16.34
CA PRO B 21 -2.79 16.27 16.24
C PRO B 21 -1.69 17.18 16.75
N ALA B 22 -1.42 18.24 16.01
CA ALA B 22 -0.23 19.05 16.26
C ALA B 22 -0.37 19.82 17.57
N GLU B 23 0.72 19.87 18.34
CA GLU B 23 0.81 20.71 19.54
C GLU B 23 2.17 21.37 19.51
N ASN B 24 2.18 22.71 19.45
CA ASN B 24 3.45 23.44 19.37
C ASN B 24 4.36 23.04 20.52
N GLY B 25 5.64 22.81 20.19
CA GLY B 25 6.62 22.40 21.17
C GLY B 25 6.63 20.93 21.50
N LYS B 26 5.72 20.15 20.94
CA LYS B 26 5.61 18.72 21.24
C LYS B 26 6.11 17.93 20.04
N SER B 27 7.02 16.98 20.27
CA SER B 27 7.58 16.18 19.20
C SER B 27 6.49 15.38 18.50
N ASN B 28 6.61 15.24 17.19
CA ASN B 28 5.59 14.66 16.34
C ASN B 28 6.28 14.04 15.13
N PHE B 29 5.49 13.54 14.18
CA PHE B 29 6.00 13.08 12.90
C PHE B 29 5.23 13.75 11.78
N LEU B 30 5.95 14.23 10.77
CA LEU B 30 5.35 14.83 9.59
C LEU B 30 5.35 13.79 8.50
N ASN B 31 4.19 13.55 7.90
CA ASN B 31 4.03 12.51 6.90
C ASN B 31 3.65 13.11 5.55
N CYS B 32 4.15 12.51 4.48
CA CYS B 32 3.63 12.73 3.13
C CYS B 32 3.31 11.36 2.54
N TYR B 33 2.03 11.10 2.30
CA TYR B 33 1.56 9.83 1.76
C TYR B 33 1.18 10.07 0.31
N VAL B 34 1.81 9.34 -0.61
CA VAL B 34 1.49 9.44 -2.03
C VAL B 34 0.93 8.09 -2.46
N SER B 35 -0.22 8.09 -3.13
CA SER B 35 -0.85 6.81 -3.42
C SER B 35 -1.51 6.85 -4.80
N GLY B 36 -1.89 5.67 -5.27
CA GLY B 36 -2.65 5.54 -6.50
C GLY B 36 -1.90 5.89 -7.77
N PHE B 37 -0.57 5.82 -7.79
CA PHE B 37 0.16 6.30 -8.94
C PHE B 37 0.80 5.17 -9.76
N HIS B 38 1.03 5.47 -11.04
CA HIS B 38 1.74 4.61 -11.99
C HIS B 38 2.34 5.52 -13.05
N PRO B 39 3.59 5.28 -13.49
CA PRO B 39 4.52 4.27 -12.98
C PRO B 39 5.10 4.60 -11.60
N SER B 40 5.96 3.72 -11.08
CA SER B 40 6.40 3.83 -9.68
C SER B 40 7.52 4.84 -9.46
N ASP B 41 8.26 5.21 -10.50
CA ASP B 41 9.29 6.24 -10.43
C ASP B 41 8.69 7.57 -9.94
N ILE B 42 9.22 8.12 -8.84
CA ILE B 42 8.62 9.30 -8.22
C ILE B 42 9.68 9.95 -7.35
N GLU B 43 9.57 11.26 -7.17
CA GLU B 43 10.42 11.98 -6.22
C GLU B 43 9.51 12.60 -5.18
N VAL B 44 9.86 12.42 -3.90
CA VAL B 44 9.09 12.99 -2.80
C VAL B 44 10.06 13.61 -1.80
N ASP B 45 9.77 14.83 -1.37
CA ASP B 45 10.55 15.50 -0.33
C ASP B 45 9.61 16.18 0.64
N LEU B 46 10.05 16.31 1.89
CA LEU B 46 9.41 17.16 2.88
C LEU B 46 10.17 18.46 2.97
N LEU B 47 9.43 19.58 3.08
CA LEU B 47 10.00 20.92 3.11
C LEU B 47 9.70 21.55 4.46
N LYS B 48 10.65 22.35 4.96
CA LYS B 48 10.45 23.21 6.13
C LYS B 48 10.77 24.61 5.69
N ASN B 49 9.77 25.49 5.76
CA ASN B 49 9.92 26.88 5.36
C ASN B 49 10.54 26.97 3.97
N GLY B 50 10.02 26.15 3.05
CA GLY B 50 10.45 26.15 1.68
C GLY B 50 11.74 25.42 1.38
N GLU B 51 12.41 24.83 2.37
CA GLU B 51 13.71 24.20 2.17
C GLU B 51 13.60 22.70 2.41
N ARG B 52 14.17 21.91 1.50
CA ARG B 52 14.16 20.46 1.62
C ARG B 52 14.77 19.98 2.93
N ILE B 53 14.01 19.14 3.65
CA ILE B 53 14.49 18.54 4.89
C ILE B 53 15.41 17.36 4.55
N GLU B 54 16.54 17.26 5.26
CA GLU B 54 17.58 16.30 4.89
C GLU B 54 17.29 14.89 5.37
N LYS B 55 16.95 14.72 6.63
CA LYS B 55 16.83 13.37 7.18
C LYS B 55 15.36 12.98 7.08
N VAL B 56 14.96 12.46 5.92
CA VAL B 56 13.60 12.00 5.67
C VAL B 56 13.66 10.53 5.29
N GLU B 57 12.83 9.72 5.94
CA GLU B 57 12.77 8.30 5.67
C GLU B 57 11.54 7.99 4.82
N HIS B 58 11.51 6.78 4.25
CA HIS B 58 10.33 6.41 3.49
C HIS B 58 10.10 4.91 3.59
N SER B 59 8.85 4.52 3.34
CA SER B 59 8.47 3.12 3.37
C SER B 59 9.01 2.39 2.13
N ASP B 60 8.98 1.07 2.20
CA ASP B 60 9.36 0.25 1.05
C ASP B 60 8.24 0.24 0.03
N LEU B 61 8.61 0.41 -1.24
CA LEU B 61 7.61 0.46 -2.31
C LEU B 61 6.67 -0.74 -2.24
N SER B 62 5.37 -0.44 -2.19
CA SER B 62 4.33 -1.45 -2.18
C SER B 62 3.21 -0.98 -3.09
N PHE B 63 2.17 -1.80 -3.24
CA PHE B 63 1.08 -1.42 -4.12
C PHE B 63 -0.24 -2.03 -3.66
N SER B 64 -1.33 -1.49 -4.20
CA SER B 64 -2.67 -1.80 -3.79
C SER B 64 -3.27 -2.87 -4.71
N LYS B 65 -4.51 -3.27 -4.38
CA LYS B 65 -5.16 -4.33 -5.14
C LYS B 65 -5.27 -3.98 -6.62
N ASP B 66 -5.42 -2.70 -6.94
CA ASP B 66 -5.52 -2.31 -8.34
C ASP B 66 -4.16 -2.14 -9.01
N TRP B 67 -3.09 -2.56 -8.36
CA TRP B 67 -1.69 -2.54 -8.78
C TRP B 67 -1.05 -1.15 -8.65
N SER B 68 -1.81 -0.10 -8.29
CA SER B 68 -1.21 1.22 -8.17
C SER B 68 -0.33 1.30 -6.93
N PHE B 69 0.67 2.17 -6.99
CA PHE B 69 1.74 2.22 -5.98
C PHE B 69 1.40 3.21 -4.87
N TYR B 70 2.00 2.98 -3.70
CA TYR B 70 1.92 3.95 -2.62
C TYR B 70 3.23 3.97 -1.85
N LEU B 71 3.53 5.13 -1.27
CA LEU B 71 4.74 5.36 -0.48
C LEU B 71 4.42 6.34 0.63
N LEU B 72 5.06 6.16 1.78
CA LEU B 72 5.00 7.11 2.88
C LEU B 72 6.38 7.70 3.11
N TYR B 73 6.48 9.03 3.06
CA TYR B 73 7.69 9.73 3.46
C TYR B 73 7.42 10.41 4.80
N TYR B 74 8.39 10.32 5.73
CA TYR B 74 8.15 10.78 7.09
C TYR B 74 9.42 11.29 7.76
N THR B 75 9.24 12.23 8.67
CA THR B 75 10.35 12.73 9.49
C THR B 75 9.80 13.14 10.86
N GLU B 76 10.64 12.94 11.89
CA GLU B 76 10.33 13.52 13.20
C GLU B 76 10.38 15.03 13.11
N PHE B 77 9.45 15.71 13.79
CA PHE B 77 9.50 17.16 13.83
C PHE B 77 8.76 17.68 15.05
N THR B 78 9.13 18.88 15.47
CA THR B 78 8.43 19.58 16.53
C THR B 78 7.79 20.82 15.94
N PRO B 79 6.47 20.82 15.74
CA PRO B 79 5.84 21.98 15.12
C PRO B 79 5.85 23.18 16.05
N THR B 80 5.80 24.36 15.44
CA THR B 80 5.69 25.62 16.13
C THR B 80 4.60 26.43 15.46
N GLU B 81 4.29 27.60 16.01
CA GLU B 81 3.23 28.41 15.43
C GLU B 81 3.64 29.00 14.09
N LYS B 82 4.93 29.29 13.92
CA LYS B 82 5.43 30.04 12.76
C LYS B 82 5.92 29.15 11.62
N ASP B 83 6.60 28.05 11.95
CA ASP B 83 7.21 27.19 10.93
C ASP B 83 6.14 26.60 10.00
N GLU B 84 6.41 26.65 8.70
CA GLU B 84 5.55 26.04 7.68
C GLU B 84 6.23 24.80 7.12
N TYR B 85 5.41 23.82 6.74
CA TYR B 85 5.91 22.57 6.18
C TYR B 85 5.10 22.22 4.94
N ALA B 86 5.68 21.36 4.09
CA ALA B 86 5.03 21.03 2.83
C ALA B 86 5.62 19.73 2.31
N CYS B 87 4.96 19.15 1.30
CA CYS B 87 5.48 18.01 0.58
C CYS B 87 5.64 18.39 -0.89
N ARG B 88 6.78 18.04 -1.47
CA ARG B 88 7.04 18.29 -2.88
C ARG B 88 7.11 16.95 -3.61
N VAL B 89 6.39 16.84 -4.72
CA VAL B 89 6.29 15.58 -5.44
C VAL B 89 6.57 15.84 -6.90
N ASN B 90 7.42 15.03 -7.50
CA ASN B 90 7.62 15.08 -8.93
C ASN B 90 7.36 13.71 -9.52
N HIS B 91 6.65 13.69 -10.65
CA HIS B 91 6.19 12.45 -11.23
C HIS B 91 5.98 12.74 -12.71
N VAL B 92 6.06 11.69 -13.52
CA VAL B 92 5.98 11.90 -14.96
C VAL B 92 4.63 12.52 -15.34
N THR B 93 3.59 12.31 -14.53
CA THR B 93 2.29 12.86 -14.85
C THR B 93 2.15 14.34 -14.50
N LEU B 94 3.11 14.91 -13.78
CA LEU B 94 3.05 16.31 -13.35
C LEU B 94 3.87 17.20 -14.29
N SER B 95 3.23 18.24 -14.83
CA SER B 95 3.95 19.17 -15.69
C SER B 95 5.04 19.92 -14.95
N GLN B 96 4.83 20.19 -13.66
CA GLN B 96 5.84 20.78 -12.80
C GLN B 96 5.70 20.10 -11.46
N PRO B 97 6.74 20.14 -10.60
CA PRO B 97 6.60 19.56 -9.27
C PRO B 97 5.41 20.16 -8.54
N LYS B 98 4.75 19.32 -7.75
CA LYS B 98 3.58 19.74 -7.01
C LYS B 98 3.96 19.91 -5.55
N ILE B 99 3.67 21.08 -5.00
CA ILE B 99 4.01 21.38 -3.61
C ILE B 99 2.70 21.52 -2.85
N VAL B 100 2.49 20.65 -1.87
CA VAL B 100 1.26 20.64 -1.06
C VAL B 100 1.66 21.08 0.35
N LYS B 101 1.08 22.19 0.82
CA LYS B 101 1.42 22.71 2.13
C LYS B 101 0.70 21.94 3.23
N TRP B 102 1.37 21.78 4.37
CA TRP B 102 0.76 21.14 5.54
C TRP B 102 -0.24 22.09 6.19
N ASP B 103 -1.44 21.58 6.46
CA ASP B 103 -2.49 22.31 7.17
C ASP B 103 -2.91 21.43 8.35
N ARG B 104 -2.68 21.92 9.58
CA ARG B 104 -3.00 21.15 10.78
C ARG B 104 -4.43 20.63 10.83
N ASP B 105 -5.31 21.11 9.96
CA ASP B 105 -6.71 20.71 9.94
C ASP B 105 -7.06 19.77 8.80
N MET B 106 -6.05 19.21 8.13
CA MET B 106 -6.20 18.17 7.10
C MET B 106 -5.23 17.02 7.39
N THR C 1 6.41 -16.91 4.82
CA THR C 1 7.39 -17.69 4.08
C THR C 1 7.24 -17.44 2.58
N TYR C 2 8.34 -17.12 1.91
CA TYR C 2 8.33 -16.79 0.49
C TYR C 2 8.07 -18.04 -0.35
N ILE C 3 7.59 -17.82 -1.59
CA ILE C 3 7.36 -18.94 -2.50
C ILE C 3 8.67 -19.68 -2.70
N LYS C 4 8.58 -21.01 -2.71
CA LYS C 4 9.75 -21.84 -2.91
C LYS C 4 10.17 -21.92 -4.37
N TRP C 5 9.30 -21.49 -5.30
CA TRP C 5 9.52 -21.62 -6.75
C TRP C 5 9.16 -20.33 -7.50
N PRO C 6 10.09 -19.76 -8.30
CA PRO C 6 9.68 -18.85 -9.36
C PRO C 6 9.80 -19.54 -10.71
N TRP C 7 9.21 -18.96 -11.76
CA TRP C 7 9.24 -19.56 -13.08
C TRP C 7 9.27 -18.45 -14.13
N TRP C 8 9.84 -18.78 -15.30
CA TRP C 8 9.93 -17.83 -16.41
C TRP C 8 8.62 -17.73 -17.17
N VAL C 9 8.28 -16.51 -17.58
CA VAL C 9 7.08 -16.30 -18.38
C VAL C 9 7.32 -16.77 -19.83
#